data_4X3E
#
_entry.id   4X3E
#
_cell.length_a   49.419
_cell.length_b   58.144
_cell.length_c   127.042
_cell.angle_alpha   90.00
_cell.angle_beta   90.00
_cell.angle_gamma   90.00
#
_symmetry.space_group_name_H-M   'P 21 21 21'
#
loop_
_entity.id
_entity.type
_entity.pdbx_description
1 polymer 'Polycomb protein EED'
2 polymer ALA-GLN-ARG-M3L-PHE-ALA-GLN-SER
3 water water
#
loop_
_entity_poly.entity_id
_entity_poly.type
_entity_poly.pdbx_seq_one_letter_code
_entity_poly.pdbx_strand_id
1 'polypeptide(L)'
;GSKCKYSFKCVNSLKEDHNQPLFGVQFNWHSKEGDPLVFATVGSNRVTLYECHSQGEIRLLQSYVDADADENFYTCAWTY
DSNTSHPLLAVAGSRGIIRIINPITMQCIKHYVGHGNAINELKFHPRDPNLLLSVSKDHALRLWNIQTDTLVAIFGGVEG
HRDEVLSADYDLLGEKIMSCGMDHSLKLWRINSKRMMNAIKESYDYNPNKTNRPFISQKIHFPDFSTRDIHRNYVDCVRW
LGDLILSKSCENAIVCWKPGKMEDDIDKIKPSESNVTILGRFDYSQCDIWYMRFSMDFWQKMLALGNQVGKLYVWDLEVE
DPHKAKCTTLTHHKCGAAIRQTSFSRDSSILIAVCDDASIWRWDRLR
;
A
2 'polypeptide(L)' RLQAQR(M3L)FAQSQY B
#
# COMPACT_ATOMS: atom_id res chain seq x y z
N SER A 7 -6.42 6.60 22.27
CA SER A 7 -7.16 5.45 22.79
C SER A 7 -8.45 5.16 22.01
N PHE A 8 -8.86 3.90 22.01
CA PHE A 8 -9.91 3.43 21.12
C PHE A 8 -10.78 2.40 21.82
N LYS A 9 -12.05 2.29 21.40
CA LYS A 9 -12.91 1.18 21.82
C LYS A 9 -13.50 0.42 20.62
N CYS A 10 -13.59 -0.90 20.76
CA CYS A 10 -14.18 -1.71 19.71
C CYS A 10 -15.70 -1.58 19.77
N VAL A 11 -16.29 -1.02 18.71
CA VAL A 11 -17.70 -0.71 18.69
C VAL A 11 -18.48 -1.55 17.69
N ASN A 12 -17.79 -2.48 17.02
CA ASN A 12 -18.48 -3.36 16.07
C ASN A 12 -17.53 -4.29 15.35
N SER A 13 -18.08 -5.39 14.85
CA SER A 13 -17.38 -6.31 13.98
C SER A 13 -18.39 -7.02 13.09
N LEU A 14 -17.92 -7.55 11.98
CA LEU A 14 -18.74 -8.40 11.13
C LEU A 14 -17.82 -9.31 10.33
N LYS A 15 -18.42 -10.17 9.52
CA LYS A 15 -17.67 -11.13 8.73
C LYS A 15 -18.26 -11.22 7.33
N GLU A 16 -17.40 -11.28 6.31
CA GLU A 16 -17.88 -11.47 4.93
C GLU A 16 -18.10 -12.96 4.62
N ASP A 17 -19.09 -13.24 3.77
CA ASP A 17 -19.55 -14.61 3.57
C ASP A 17 -18.73 -15.47 2.60
N HIS A 18 -17.61 -14.95 2.10
CA HIS A 18 -16.70 -15.79 1.32
C HIS A 18 -15.78 -16.58 2.26
N ASN A 19 -15.72 -16.15 3.51
CA ASN A 19 -14.88 -16.80 4.53
C ASN A 19 -13.41 -17.02 4.12
N GLN A 20 -12.92 -16.15 3.23
CA GLN A 20 -11.52 -16.14 2.86
C GLN A 20 -10.85 -14.96 3.56
N PRO A 21 -9.51 -14.94 3.57
CA PRO A 21 -8.79 -13.80 4.13
C PRO A 21 -9.18 -12.48 3.47
N LEU A 22 -9.32 -11.42 4.28
CA LEU A 22 -9.38 -10.07 3.75
C LEU A 22 -7.97 -9.54 3.82
N PHE A 23 -7.31 -9.40 2.67
CA PHE A 23 -5.91 -8.93 2.66
C PHE A 23 -5.79 -7.42 2.64
N GLY A 24 -6.89 -6.71 2.38
CA GLY A 24 -6.77 -5.27 2.27
C GLY A 24 -7.94 -4.44 2.75
N VAL A 25 -7.63 -3.23 3.18
CA VAL A 25 -8.64 -2.24 3.54
C VAL A 25 -8.12 -0.82 3.34
N GLN A 26 -8.94 0.02 2.72
CA GLN A 26 -8.62 1.43 2.57
C GLN A 26 -9.85 2.31 2.74
N PHE A 27 -9.82 3.23 3.70
CA PHE A 27 -10.80 4.29 3.75
C PHE A 27 -10.61 5.18 2.52
N ASN A 28 -11.70 5.73 2.03
CA ASN A 28 -11.64 6.71 0.96
C ASN A 28 -11.36 8.10 1.55
N TRP A 29 -10.13 8.59 1.37
CA TRP A 29 -9.76 9.95 1.78
C TRP A 29 -10.08 10.95 0.67
N HIS A 30 -10.41 10.45 -0.52
CA HIS A 30 -10.76 11.29 -1.67
C HIS A 30 -12.25 11.64 -1.72
N SER A 31 -12.87 11.83 -0.55
CA SER A 31 -14.30 12.12 -0.49
C SER A 31 -14.57 13.62 -0.29
N LYS A 32 -15.84 13.99 -0.20
CA LYS A 32 -16.22 15.40 -0.24
C LYS A 32 -16.72 15.94 1.10
N GLU A 33 -17.40 17.09 1.03
CA GLU A 33 -17.91 17.75 2.23
C GLU A 33 -19.01 16.91 2.89
N GLY A 34 -18.76 16.49 4.13
CA GLY A 34 -19.76 15.82 4.92
C GLY A 34 -20.25 14.46 4.42
N ASP A 35 -19.72 13.99 3.31
CA ASP A 35 -20.10 12.67 2.77
C ASP A 35 -19.88 11.56 3.79
N PRO A 36 -20.70 10.49 3.72
CA PRO A 36 -20.49 9.37 4.65
C PRO A 36 -19.09 8.79 4.50
N LEU A 37 -18.52 8.32 5.62
CA LEU A 37 -17.19 7.73 5.65
C LEU A 37 -17.22 6.34 5.02
N VAL A 38 -16.56 6.18 3.89
CA VAL A 38 -16.59 4.90 3.17
C VAL A 38 -15.20 4.22 3.15
N PHE A 39 -15.21 2.91 3.32
CA PHE A 39 -13.98 2.13 3.12
C PHE A 39 -14.22 0.91 2.24
N ALA A 40 -13.16 0.48 1.56
CA ALA A 40 -13.21 -0.72 0.75
C ALA A 40 -12.39 -1.83 1.37
N THR A 41 -12.89 -3.06 1.25
CA THR A 41 -12.15 -4.24 1.68
C THR A 41 -11.90 -5.13 0.46
N VAL A 42 -10.74 -5.78 0.41
CA VAL A 42 -10.46 -6.75 -0.65
C VAL A 42 -10.12 -8.14 -0.09
N GLY A 43 -10.77 -9.17 -0.60
CA GLY A 43 -10.47 -10.55 -0.23
C GLY A 43 -11.13 -11.45 -1.24
N SER A 44 -10.81 -12.74 -1.20
CA SER A 44 -11.37 -13.65 -2.20
C SER A 44 -11.27 -12.96 -3.58
N ASN A 45 -12.31 -13.05 -4.39
CA ASN A 45 -12.32 -12.34 -5.67
C ASN A 45 -13.23 -11.10 -5.67
N ARG A 46 -13.43 -10.50 -4.51
CA ARG A 46 -14.33 -9.36 -4.46
C ARG A 46 -13.74 -8.12 -3.81
N VAL A 47 -14.34 -6.98 -4.14
CA VAL A 47 -14.08 -5.76 -3.41
C VAL A 47 -15.42 -5.23 -2.91
N THR A 48 -15.45 -4.78 -1.65
CA THR A 48 -16.70 -4.46 -0.99
C THR A 48 -16.61 -3.09 -0.35
N LEU A 49 -17.70 -2.33 -0.47
CA LEU A 49 -17.77 -0.97 0.03
C LEU A 49 -18.72 -0.88 1.23
N TYR A 50 -18.26 -0.23 2.30
CA TYR A 50 -19.06 -0.01 3.50
C TYR A 50 -19.06 1.46 3.87
N GLU A 51 -20.17 1.96 4.41
CA GLU A 51 -20.24 3.28 5.02
C GLU A 51 -20.22 3.12 6.51
N CYS A 52 -19.53 4.01 7.21
CA CYS A 52 -19.54 4.00 8.67
C CYS A 52 -20.59 4.97 9.23
N HIS A 53 -21.37 4.49 10.18
CA HIS A 53 -22.33 5.35 10.86
C HIS A 53 -22.15 5.26 12.36
N SER A 54 -22.87 6.11 13.09
CA SER A 54 -22.79 6.11 14.55
C SER A 54 -23.32 4.81 15.13
N GLN A 55 -23.13 4.62 16.43
CA GLN A 55 -23.46 3.36 17.08
C GLN A 55 -22.57 2.27 16.50
N GLY A 56 -21.46 2.69 15.91
CA GLY A 56 -20.52 1.76 15.33
C GLY A 56 -21.11 0.99 14.16
N GLU A 57 -22.18 1.53 13.58
CA GLU A 57 -22.83 0.83 12.47
C GLU A 57 -21.90 0.77 11.26
N ILE A 58 -21.82 -0.40 10.65
CA ILE A 58 -21.13 -0.53 9.39
C ILE A 58 -22.11 -1.03 8.33
N ARG A 59 -22.49 -0.13 7.45
CA ARG A 59 -23.49 -0.40 6.44
C ARG A 59 -22.80 -0.84 5.15
N LEU A 60 -23.06 -2.08 4.74
CA LEU A 60 -22.60 -2.57 3.43
C LEU A 60 -23.31 -1.83 2.30
N LEU A 61 -22.54 -1.28 1.38
CA LEU A 61 -23.12 -0.58 0.23
C LEU A 61 -23.27 -1.49 -0.98
N GLN A 62 -22.17 -1.69 -1.71
CA GLN A 62 -22.15 -2.58 -2.85
C GLN A 62 -20.88 -3.41 -2.85
N SER A 63 -20.85 -4.41 -3.72
CA SER A 63 -19.67 -5.21 -3.96
C SER A 63 -19.44 -5.36 -5.45
N TYR A 64 -18.19 -5.60 -5.82
CA TYR A 64 -17.84 -6.05 -7.14
C TYR A 64 -17.24 -7.44 -6.95
N VAL A 65 -17.74 -8.40 -7.71
CA VAL A 65 -17.18 -9.74 -7.71
C VAL A 65 -16.59 -9.99 -9.09
N ASP A 66 -15.38 -10.53 -9.15
CA ASP A 66 -14.71 -10.71 -10.43
C ASP A 66 -15.31 -11.86 -11.23
N ALA A 67 -15.46 -11.62 -12.54
CA ALA A 67 -16.00 -12.63 -13.44
C ALA A 67 -15.25 -13.95 -13.29
N ASP A 68 -13.98 -13.84 -12.92
CA ASP A 68 -13.12 -15.02 -12.77
C ASP A 68 -13.07 -15.49 -11.32
N ALA A 69 -13.68 -16.64 -11.06
CA ALA A 69 -13.73 -17.20 -9.71
C ALA A 69 -12.35 -17.57 -9.16
N ASP A 70 -11.34 -17.58 -10.03
CA ASP A 70 -9.97 -17.93 -9.63
C ASP A 70 -9.13 -16.70 -9.23
N GLU A 71 -9.63 -15.50 -9.52
CA GLU A 71 -8.96 -14.28 -9.08
C GLU A 71 -8.98 -14.16 -7.56
N ASN A 72 -7.90 -13.63 -6.98
CA ASN A 72 -7.82 -13.35 -5.55
C ASN A 72 -7.17 -11.96 -5.37
N PHE A 73 -7.99 -10.96 -5.07
CA PHE A 73 -7.51 -9.59 -4.91
C PHE A 73 -6.74 -9.41 -3.59
N TYR A 74 -5.60 -8.73 -3.66
CA TYR A 74 -4.71 -8.56 -2.52
C TYR A 74 -4.72 -7.15 -1.96
N THR A 75 -5.03 -6.16 -2.80
CA THR A 75 -4.84 -4.77 -2.46
C THR A 75 -5.75 -3.85 -3.25
N CYS A 76 -5.97 -2.64 -2.74
CA CYS A 76 -6.67 -1.63 -3.53
C CYS A 76 -6.16 -0.24 -3.16
N ALA A 77 -6.56 0.76 -3.95
CA ALA A 77 -6.15 2.12 -3.68
C ALA A 77 -7.11 3.11 -4.33
N TRP A 78 -7.44 4.16 -3.60
CA TRP A 78 -8.34 5.20 -4.07
C TRP A 78 -7.63 6.30 -4.85
N THR A 79 -8.33 6.89 -5.81
CA THR A 79 -7.85 8.07 -6.50
C THR A 79 -9.05 8.90 -7.01
N TYR A 80 -8.80 9.94 -7.80
CA TYR A 80 -9.87 10.63 -8.50
C TYR A 80 -9.84 10.23 -9.98
N ASP A 81 -11.01 10.04 -10.58
CA ASP A 81 -11.12 9.96 -12.04
C ASP A 81 -10.95 11.36 -12.59
N SER A 82 -9.85 11.61 -13.30
CA SER A 82 -9.61 12.91 -13.93
C SER A 82 -10.70 13.34 -14.91
N ASN A 83 -11.38 12.37 -15.50
CA ASN A 83 -12.35 12.61 -16.56
C ASN A 83 -13.73 13.02 -16.01
N THR A 84 -14.23 12.28 -15.02
CA THR A 84 -15.56 12.54 -14.47
C THR A 84 -15.51 13.24 -13.11
N SER A 85 -14.32 13.25 -12.49
CA SER A 85 -14.07 13.88 -11.20
C SER A 85 -14.58 13.07 -10.00
N HIS A 86 -15.04 11.86 -10.24
CA HIS A 86 -15.49 10.99 -9.16
C HIS A 86 -14.32 10.18 -8.62
N PRO A 87 -14.40 9.80 -7.35
CA PRO A 87 -13.49 8.81 -6.78
C PRO A 87 -13.41 7.57 -7.66
N LEU A 88 -12.19 7.03 -7.84
CA LEU A 88 -11.99 5.70 -8.45
C LEU A 88 -11.27 4.81 -7.46
N LEU A 89 -11.36 3.50 -7.70
CA LEU A 89 -10.71 2.52 -6.85
C LEU A 89 -9.98 1.55 -7.77
N ALA A 90 -8.66 1.39 -7.57
CA ALA A 90 -7.95 0.38 -8.33
C ALA A 90 -7.71 -0.86 -7.45
N VAL A 91 -7.91 -2.05 -8.00
CA VAL A 91 -7.68 -3.31 -7.26
C VAL A 91 -6.85 -4.29 -8.07
N ALA A 92 -6.10 -5.16 -7.37
CA ALA A 92 -5.25 -6.15 -8.04
C ALA A 92 -4.91 -7.30 -7.12
N GLY A 93 -4.57 -8.45 -7.70
CA GLY A 93 -4.12 -9.57 -6.89
C GLY A 93 -3.38 -10.63 -7.68
N SER A 94 -3.71 -11.89 -7.40
CA SER A 94 -2.96 -13.04 -7.92
C SER A 94 -2.94 -13.15 -9.45
N ARG A 95 -3.96 -12.62 -10.12
CA ARG A 95 -4.02 -12.71 -11.58
C ARG A 95 -3.12 -11.70 -12.30
N GLY A 96 -2.62 -10.71 -11.56
CA GLY A 96 -1.66 -9.74 -12.10
C GLY A 96 -2.31 -8.74 -13.03
N ILE A 97 -3.58 -8.48 -12.78
CA ILE A 97 -4.38 -7.58 -13.61
C ILE A 97 -4.96 -6.46 -12.75
N ILE A 98 -4.71 -5.21 -13.14
CA ILE A 98 -5.27 -4.08 -12.42
C ILE A 98 -6.64 -3.76 -12.96
N ARG A 99 -7.64 -3.76 -12.08
CA ARG A 99 -8.99 -3.34 -12.46
C ARG A 99 -9.26 -1.97 -11.89
N ILE A 100 -9.80 -1.09 -12.72
CA ILE A 100 -10.21 0.23 -12.28
C ILE A 100 -11.72 0.22 -12.08
N ILE A 101 -12.15 0.34 -10.82
CA ILE A 101 -13.56 0.19 -10.48
C ILE A 101 -14.26 1.51 -10.19
N ASN A 102 -15.42 1.71 -10.80
CA ASN A 102 -16.28 2.83 -10.44
C ASN A 102 -16.95 2.46 -9.12
N PRO A 103 -16.60 3.16 -8.03
CA PRO A 103 -17.06 2.70 -6.72
C PRO A 103 -18.55 2.95 -6.53
N ILE A 104 -19.10 3.88 -7.30
CA ILE A 104 -20.52 4.20 -7.25
C ILE A 104 -21.37 3.06 -7.79
N THR A 105 -20.99 2.56 -8.98
CA THR A 105 -21.72 1.53 -9.68
C THR A 105 -21.09 0.16 -9.50
N MET A 106 -19.93 0.13 -8.84
CA MET A 106 -19.10 -1.07 -8.73
C MET A 106 -18.90 -1.86 -10.04
N GLN A 107 -18.79 -1.17 -11.17
CA GLN A 107 -18.38 -1.82 -12.41
C GLN A 107 -16.90 -1.53 -12.71
N CYS A 108 -16.25 -2.47 -13.37
CA CYS A 108 -14.90 -2.26 -13.88
C CYS A 108 -14.98 -1.44 -15.16
N ILE A 109 -14.48 -0.21 -15.10
CA ILE A 109 -14.36 0.68 -16.25
C ILE A 109 -13.33 0.18 -17.26
N LYS A 110 -12.12 -0.10 -16.77
CA LYS A 110 -11.03 -0.59 -17.60
C LYS A 110 -10.05 -1.43 -16.78
N HIS A 111 -9.03 -1.97 -17.42
CA HIS A 111 -8.08 -2.81 -16.71
C HIS A 111 -6.72 -2.87 -17.44
N TYR A 112 -5.68 -3.16 -16.67
CA TYR A 112 -4.32 -3.20 -17.23
C TYR A 112 -3.66 -4.54 -16.99
N VAL A 113 -3.16 -5.15 -18.07
CA VAL A 113 -2.40 -6.38 -17.96
C VAL A 113 -0.94 -6.08 -18.29
N GLY A 114 -0.04 -6.97 -17.91
CA GLY A 114 1.37 -6.81 -18.25
C GLY A 114 2.30 -7.49 -17.27
N HIS A 115 2.12 -7.23 -15.99
CA HIS A 115 2.86 -7.96 -14.96
C HIS A 115 2.85 -9.46 -15.24
N GLY A 116 4.03 -10.07 -15.12
CA GLY A 116 4.18 -11.50 -15.35
C GLY A 116 3.59 -12.35 -14.24
N ASN A 117 2.90 -11.72 -13.30
CA ASN A 117 2.36 -12.45 -12.17
C ASN A 117 1.61 -11.56 -11.19
N ALA A 118 1.36 -12.12 -10.01
CA ALA A 118 0.56 -11.46 -8.99
C ALA A 118 1.02 -10.04 -8.68
N ILE A 119 0.05 -9.17 -8.43
CA ILE A 119 0.35 -7.83 -7.97
C ILE A 119 0.17 -7.77 -6.46
N ASN A 120 1.18 -7.25 -5.77
CA ASN A 120 1.20 -7.26 -4.31
C ASN A 120 0.79 -5.93 -3.70
N GLU A 121 0.85 -4.86 -4.48
CA GLU A 121 0.60 -3.55 -3.92
C GLU A 121 0.30 -2.52 -5.00
N LEU A 122 -0.64 -1.62 -4.70
CA LEU A 122 -0.96 -0.48 -5.58
C LEU A 122 -0.88 0.83 -4.80
N LYS A 123 -0.36 1.88 -5.43
CA LYS A 123 -0.28 3.20 -4.77
C LYS A 123 -0.51 4.30 -5.80
N PHE A 124 -1.31 5.28 -5.45
CA PHE A 124 -1.46 6.45 -6.32
C PHE A 124 -0.52 7.58 -5.89
N HIS A 125 -0.02 8.30 -6.87
CA HIS A 125 0.83 9.46 -6.65
C HIS A 125 0.08 10.45 -5.76
N PRO A 126 0.79 11.13 -4.83
CA PRO A 126 0.13 12.00 -3.85
C PRO A 126 -0.34 13.35 -4.42
N ARG A 127 0.13 13.70 -5.60
CA ARG A 127 -0.21 14.99 -6.19
C ARG A 127 -0.93 14.83 -7.52
N ASP A 128 -0.59 13.77 -8.24
CA ASP A 128 -1.21 13.50 -9.54
C ASP A 128 -2.03 12.22 -9.48
N PRO A 129 -3.36 12.37 -9.47
CA PRO A 129 -4.34 11.27 -9.34
C PRO A 129 -4.25 10.19 -10.45
N ASN A 130 -3.65 10.53 -11.59
CA ASN A 130 -3.54 9.57 -12.72
C ASN A 130 -2.35 8.62 -12.63
N LEU A 131 -1.42 8.87 -11.69
CA LEU A 131 -0.18 8.08 -11.68
C LEU A 131 -0.25 6.90 -10.72
N LEU A 132 -0.44 5.71 -11.28
CA LEU A 132 -0.58 4.50 -10.48
C LEU A 132 0.70 3.65 -10.45
N LEU A 133 1.13 3.30 -9.25
CA LEU A 133 2.30 2.43 -9.06
C LEU A 133 1.83 1.02 -8.73
N SER A 134 2.40 0.02 -9.38
CA SER A 134 2.12 -1.38 -9.01
C SER A 134 3.41 -2.15 -8.76
N VAL A 135 3.39 -3.04 -7.77
CA VAL A 135 4.55 -3.89 -7.50
C VAL A 135 4.15 -5.36 -7.58
N SER A 136 5.04 -6.18 -8.14
CA SER A 136 4.64 -7.50 -8.57
C SER A 136 5.57 -8.62 -8.16
N LYS A 137 4.98 -9.80 -8.09
CA LYS A 137 5.66 -11.06 -7.86
C LYS A 137 6.69 -11.31 -8.95
N ASP A 138 6.54 -10.63 -10.08
CA ASP A 138 7.51 -10.80 -11.16
C ASP A 138 8.81 -10.00 -11.01
N HIS A 139 9.04 -9.41 -9.82
CA HIS A 139 10.28 -8.68 -9.49
C HIS A 139 10.32 -7.22 -9.95
N ALA A 140 9.23 -6.75 -10.55
CA ALA A 140 9.20 -5.41 -11.12
C ALA A 140 8.18 -4.47 -10.47
N LEU A 141 8.46 -3.18 -10.57
CA LEU A 141 7.48 -2.15 -10.30
C LEU A 141 7.13 -1.56 -11.65
N ARG A 142 5.92 -1.04 -11.77
CA ARG A 142 5.50 -0.38 -13.01
C ARG A 142 4.78 0.89 -12.66
N LEU A 143 4.94 1.92 -13.49
CA LEU A 143 4.26 3.19 -13.32
C LEU A 143 3.28 3.36 -14.47
N TRP A 144 2.00 3.54 -14.15
CA TRP A 144 0.98 3.75 -15.17
C TRP A 144 0.35 5.14 -15.11
N ASN A 145 0.01 5.66 -16.26
CA ASN A 145 -0.82 6.86 -16.37
C ASN A 145 -2.20 6.36 -16.71
N ILE A 146 -3.13 6.40 -15.76
CA ILE A 146 -4.47 5.84 -16.01
C ILE A 146 -5.40 6.81 -16.75
N GLN A 147 -4.95 8.03 -17.01
CA GLN A 147 -5.73 8.95 -17.84
C GLN A 147 -5.59 8.61 -19.34
N THR A 148 -4.37 8.28 -19.77
CA THR A 148 -4.14 7.91 -21.18
C THR A 148 -3.84 6.42 -21.36
N ASP A 149 -3.98 5.65 -20.29
CA ASP A 149 -3.80 4.20 -20.32
C ASP A 149 -2.43 3.76 -20.83
N THR A 150 -1.39 4.40 -20.34
CA THR A 150 -0.03 4.11 -20.77
C THR A 150 0.83 3.54 -19.65
N LEU A 151 1.69 2.59 -20.01
CA LEU A 151 2.75 2.15 -19.12
C LEU A 151 3.90 3.15 -19.27
N VAL A 152 4.14 3.92 -18.22
CA VAL A 152 5.14 4.98 -18.29
C VAL A 152 6.54 4.38 -18.15
N ALA A 153 6.69 3.43 -17.24
CA ALA A 153 8.01 2.88 -16.91
C ALA A 153 7.93 1.54 -16.20
N ILE A 154 8.98 0.75 -16.35
CA ILE A 154 9.13 -0.52 -15.66
C ILE A 154 10.42 -0.39 -14.88
N PHE A 155 10.35 -0.59 -13.57
CA PHE A 155 11.54 -0.46 -12.74
C PHE A 155 12.00 -1.84 -12.33
N GLY A 156 13.12 -2.29 -12.88
CA GLY A 156 13.58 -3.64 -12.64
C GLY A 156 14.62 -4.07 -13.66
N GLY A 157 15.23 -5.23 -13.43
CA GLY A 157 16.26 -5.69 -14.33
C GLY A 157 17.62 -5.78 -13.67
N VAL A 158 18.62 -5.13 -14.28
CA VAL A 158 20.01 -5.33 -13.86
C VAL A 158 20.25 -5.12 -12.37
N GLU A 159 19.85 -3.96 -11.84
CA GLU A 159 19.99 -3.67 -10.43
C GLU A 159 18.64 -3.70 -9.75
N GLY A 160 17.62 -4.23 -10.43
CA GLY A 160 16.28 -4.29 -9.88
C GLY A 160 16.17 -5.36 -8.80
N HIS A 161 14.98 -5.51 -8.22
CA HIS A 161 14.78 -6.57 -7.21
C HIS A 161 15.05 -7.93 -7.83
N ARG A 162 15.41 -8.89 -6.99
CA ARG A 162 15.75 -10.23 -7.47
C ARG A 162 14.78 -11.29 -6.95
N ASP A 163 13.72 -10.83 -6.32
CA ASP A 163 12.60 -11.66 -5.92
C ASP A 163 11.34 -10.78 -5.94
N GLU A 164 10.24 -11.28 -5.42
CA GLU A 164 8.97 -10.55 -5.43
C GLU A 164 9.10 -9.19 -4.78
N VAL A 165 8.58 -8.15 -5.44
CA VAL A 165 8.40 -6.86 -4.80
C VAL A 165 7.09 -6.87 -4.01
N LEU A 166 7.18 -6.55 -2.72
CA LEU A 166 6.04 -6.71 -1.82
C LEU A 166 5.34 -5.40 -1.50
N SER A 167 6.08 -4.30 -1.52
CA SER A 167 5.52 -3.00 -1.13
C SER A 167 6.32 -1.88 -1.76
N ALA A 168 5.73 -0.70 -1.80
CA ALA A 168 6.40 0.50 -2.30
C ALA A 168 5.61 1.72 -1.84
N ASP A 169 6.22 2.89 -1.92
CA ASP A 169 5.60 4.11 -1.45
C ASP A 169 6.24 5.32 -2.12
N TYR A 170 5.39 6.24 -2.59
CA TYR A 170 5.83 7.55 -3.04
C TYR A 170 6.18 8.37 -1.81
N ASP A 171 7.17 9.27 -1.93
CA ASP A 171 7.41 10.23 -0.87
C ASP A 171 6.33 11.29 -0.94
N LEU A 172 6.34 12.20 0.02
CA LEU A 172 5.31 13.24 0.17
C LEU A 172 5.09 14.07 -1.09
N LEU A 173 6.17 14.39 -1.79
CA LEU A 173 6.10 15.27 -2.94
C LEU A 173 5.79 14.51 -4.21
N GLY A 174 5.98 13.20 -4.18
CA GLY A 174 5.84 12.39 -5.37
C GLY A 174 7.02 12.50 -6.31
N GLU A 175 8.22 12.72 -5.76
CA GLU A 175 9.45 12.81 -6.55
C GLU A 175 10.23 11.49 -6.59
N LYS A 176 9.92 10.60 -5.65
CA LYS A 176 10.67 9.37 -5.53
C LYS A 176 9.83 8.27 -4.91
N ILE A 177 10.31 7.05 -5.06
CA ILE A 177 9.64 5.85 -4.59
C ILE A 177 10.68 4.99 -3.89
N MET A 178 10.29 4.42 -2.77
CA MET A 178 11.06 3.35 -2.15
C MET A 178 10.26 2.07 -2.30
N SER A 179 10.93 1.00 -2.71
CA SER A 179 10.33 -0.32 -2.85
C SER A 179 11.05 -1.33 -1.97
N CYS A 180 10.41 -2.47 -1.71
CA CYS A 180 11.01 -3.50 -0.86
C CYS A 180 10.43 -4.85 -1.26
N GLY A 181 11.06 -5.94 -0.84
CA GLY A 181 10.58 -7.25 -1.23
C GLY A 181 11.27 -8.41 -0.58
N MET A 182 11.13 -9.57 -1.21
CA MET A 182 11.62 -10.84 -0.68
C MET A 182 13.13 -10.98 -0.73
N ASP A 183 13.81 -10.16 -1.53
CA ASP A 183 15.28 -10.19 -1.54
C ASP A 183 15.88 -9.45 -0.35
N HIS A 184 15.04 -8.98 0.57
CA HIS A 184 15.52 -8.31 1.78
C HIS A 184 15.92 -6.86 1.52
N SER A 185 15.80 -6.41 0.27
CA SER A 185 16.29 -5.08 -0.03
C SER A 185 15.20 -4.02 -0.10
N LEU A 186 15.62 -2.80 0.17
CA LEU A 186 14.81 -1.62 -0.03
C LEU A 186 15.49 -0.83 -1.13
N LYS A 187 14.72 -0.36 -2.11
CA LYS A 187 15.31 0.35 -3.25
C LYS A 187 14.64 1.68 -3.55
N LEU A 188 15.47 2.69 -3.78
CA LEU A 188 15.01 4.03 -4.09
C LEU A 188 15.00 4.24 -5.60
N TRP A 189 13.95 4.86 -6.10
CA TRP A 189 13.83 5.16 -7.52
C TRP A 189 13.35 6.61 -7.68
N ARG A 190 14.18 7.47 -8.22
CA ARG A 190 13.74 8.84 -8.44
C ARG A 190 12.91 8.92 -9.72
N ILE A 191 11.76 9.56 -9.62
CA ILE A 191 10.92 9.77 -10.79
C ILE A 191 10.83 11.26 -11.11
N ASN A 192 11.74 12.05 -10.55
CA ASN A 192 11.81 13.46 -10.87
C ASN A 192 13.04 13.77 -11.72
N SER A 193 13.69 12.73 -12.20
CA SER A 193 14.78 12.90 -13.15
C SER A 193 14.23 13.53 -14.42
N LYS A 194 15.12 14.14 -15.19
CA LYS A 194 14.70 14.77 -16.44
C LYS A 194 14.04 13.73 -17.37
N ARG A 195 14.62 12.53 -17.37
CA ARG A 195 14.13 11.42 -18.18
C ARG A 195 12.71 11.00 -17.79
N MET A 196 12.45 10.86 -16.50
CA MET A 196 11.14 10.43 -16.01
C MET A 196 10.10 11.53 -16.11
N MET A 197 10.46 12.74 -15.71
CA MET A 197 9.56 13.88 -15.89
C MET A 197 9.14 13.96 -17.36
N ASN A 198 10.10 13.92 -18.27
CA ASN A 198 9.84 13.91 -19.71
C ASN A 198 8.95 12.73 -20.17
N ALA A 199 9.22 11.53 -19.67
CA ALA A 199 8.38 10.36 -20.00
C ALA A 199 6.91 10.50 -19.52
N ILE A 200 6.74 11.07 -18.33
CA ILE A 200 5.42 11.41 -17.82
C ILE A 200 4.74 12.47 -18.70
N LYS A 201 5.50 13.46 -19.16
CA LYS A 201 4.96 14.48 -20.06
C LYS A 201 4.47 13.80 -21.34
N GLU A 202 5.27 12.88 -21.88
CA GLU A 202 4.91 12.13 -23.08
C GLU A 202 3.68 11.23 -22.92
N SER A 203 3.50 10.65 -21.73
CA SER A 203 2.37 9.74 -21.51
C SER A 203 1.07 10.53 -21.55
N TYR A 204 1.15 11.80 -21.19
CA TYR A 204 -0.01 12.69 -21.23
C TYR A 204 -0.28 13.11 -22.66
N ASP A 205 0.77 13.26 -23.47
CA ASP A 205 0.64 13.68 -24.86
C ASP A 205 0.31 12.51 -25.80
N TYR A 206 0.05 11.33 -25.24
CA TYR A 206 -0.18 10.16 -26.07
C TYR A 206 -1.66 9.93 -26.35
N ASN A 207 -2.00 9.81 -27.63
CA ASN A 207 -3.35 9.56 -28.07
C ASN A 207 -3.38 8.56 -29.21
N PRO A 208 -3.79 7.31 -28.91
CA PRO A 208 -3.68 6.19 -29.84
C PRO A 208 -4.67 6.27 -30.99
N ASN A 209 -5.68 7.13 -30.86
CA ASN A 209 -6.60 7.37 -31.97
C ASN A 209 -5.89 8.18 -33.06
N LYS A 210 -4.97 9.06 -32.65
CA LYS A 210 -4.32 9.98 -33.58
C LYS A 210 -2.90 9.54 -33.98
N THR A 211 -2.63 8.24 -33.88
CA THR A 211 -1.31 7.72 -34.16
C THR A 211 -1.32 6.20 -34.25
N ASN A 212 -0.20 5.65 -34.68
CA ASN A 212 -0.04 4.21 -34.83
C ASN A 212 1.21 3.76 -34.08
N ARG A 213 2.03 4.72 -33.68
CA ARG A 213 3.09 4.43 -32.74
C ARG A 213 2.50 3.89 -31.45
N PRO A 214 3.15 2.86 -30.87
CA PRO A 214 2.75 2.43 -29.53
C PRO A 214 3.39 3.39 -28.54
N PHE A 215 2.95 3.39 -27.28
CA PHE A 215 3.66 4.16 -26.27
C PHE A 215 4.83 3.36 -25.69
N ILE A 216 6.02 3.96 -25.73
CA ILE A 216 7.26 3.30 -25.30
C ILE A 216 7.52 3.56 -23.82
N SER A 217 7.67 2.50 -23.04
CA SER A 217 7.97 2.61 -21.61
C SER A 217 9.46 2.86 -21.38
N GLN A 218 9.79 3.45 -20.24
CA GLN A 218 11.18 3.54 -19.80
C GLN A 218 11.52 2.23 -19.11
N LYS A 219 12.71 1.72 -19.41
CA LYS A 219 13.24 0.58 -18.70
C LYS A 219 14.29 1.09 -17.73
N ILE A 220 13.86 1.30 -16.49
CA ILE A 220 14.75 1.74 -15.43
C ILE A 220 15.37 0.54 -14.74
N HIS A 221 16.62 0.24 -15.08
CA HIS A 221 17.32 -0.94 -14.55
C HIS A 221 18.07 -0.65 -13.26
N PHE A 222 18.34 0.62 -12.97
CA PHE A 222 19.17 0.97 -11.82
C PHE A 222 18.47 1.93 -10.85
N PRO A 223 18.33 1.52 -9.58
CA PRO A 223 17.79 2.41 -8.55
C PRO A 223 18.82 3.45 -8.12
N ASP A 224 18.38 4.49 -7.42
CA ASP A 224 19.26 5.57 -6.99
C ASP A 224 19.83 5.35 -5.57
N PHE A 225 19.47 4.21 -5.01
CA PHE A 225 19.98 3.78 -3.71
C PHE A 225 19.42 2.38 -3.47
N SER A 226 20.21 1.53 -2.80
CA SER A 226 19.77 0.18 -2.46
C SER A 226 20.42 -0.27 -1.16
N THR A 227 19.69 -1.00 -0.34
CA THR A 227 20.27 -1.51 0.90
C THR A 227 19.61 -2.80 1.37
N ARG A 228 20.42 -3.68 1.97
CA ARG A 228 19.90 -4.89 2.56
C ARG A 228 20.32 -4.96 4.02
N ASP A 229 20.63 -3.82 4.61
CA ASP A 229 21.18 -3.80 5.95
C ASP A 229 20.18 -3.37 7.02
N ILE A 230 18.90 -3.28 6.66
CA ILE A 230 17.88 -2.95 7.64
C ILE A 230 17.24 -4.22 8.23
N HIS A 231 16.99 -5.20 7.37
CA HIS A 231 16.26 -6.41 7.76
C HIS A 231 16.97 -7.68 7.28
N ARG A 232 16.63 -8.81 7.87
CA ARG A 232 17.23 -10.10 7.52
C ARG A 232 16.20 -11.08 6.97
N ASN A 233 15.10 -10.56 6.42
CA ASN A 233 14.04 -11.38 5.86
C ASN A 233 13.16 -10.55 4.92
N TYR A 234 12.10 -11.16 4.36
CA TYR A 234 11.15 -10.44 3.51
C TYR A 234 10.80 -9.06 4.06
N VAL A 235 11.03 -8.02 3.29
CA VAL A 235 10.54 -6.70 3.68
C VAL A 235 9.18 -6.50 3.01
N ASP A 236 8.11 -6.45 3.81
CA ASP A 236 6.75 -6.53 3.25
C ASP A 236 5.91 -5.28 3.42
N CYS A 237 6.52 -4.21 3.89
CA CYS A 237 5.83 -2.94 3.99
C CYS A 237 6.86 -1.84 4.19
N VAL A 238 6.76 -0.81 3.36
CA VAL A 238 7.62 0.36 3.46
C VAL A 238 6.75 1.62 3.36
N ARG A 239 7.17 2.65 4.08
CA ARG A 239 6.44 3.88 4.11
C ARG A 239 7.44 5.03 4.31
N TRP A 240 7.26 6.13 3.59
CA TRP A 240 8.02 7.34 3.85
C TRP A 240 7.48 8.07 5.10
N LEU A 241 8.38 8.58 5.93
CA LEU A 241 8.01 9.51 7.00
C LEU A 241 8.87 10.76 6.80
N GLY A 242 8.36 11.71 6.02
CA GLY A 242 9.17 12.79 5.49
C GLY A 242 10.31 12.20 4.65
N ASP A 243 11.54 12.59 4.95
CA ASP A 243 12.72 12.03 4.30
C ASP A 243 13.20 10.74 4.99
N LEU A 244 12.55 10.35 6.08
CA LEU A 244 12.84 9.07 6.74
C LEU A 244 11.97 7.94 6.17
N ILE A 245 12.42 6.70 6.38
CA ILE A 245 11.71 5.51 5.99
C ILE A 245 11.24 4.71 7.22
N LEU A 246 10.01 4.19 7.16
CA LEU A 246 9.53 3.16 8.08
C LEU A 246 9.35 1.87 7.29
N SER A 247 9.94 0.79 7.75
CA SER A 247 9.78 -0.48 7.04
C SER A 247 9.75 -1.64 8.02
N LYS A 248 9.11 -2.73 7.63
CA LYS A 248 9.06 -3.91 8.49
C LYS A 248 9.39 -5.18 7.72
N SER A 249 10.01 -6.11 8.41
CA SER A 249 10.16 -7.44 7.89
C SER A 249 9.20 -8.31 8.70
N CYS A 250 9.47 -9.61 8.78
CA CYS A 250 8.64 -10.46 9.61
C CYS A 250 9.42 -10.88 10.86
N GLU A 251 10.08 -9.90 11.47
CA GLU A 251 10.98 -10.13 12.60
C GLU A 251 10.53 -9.26 13.77
N ASN A 252 9.25 -8.92 13.76
CA ASN A 252 8.59 -8.29 14.91
C ASN A 252 9.02 -6.88 15.27
N ALA A 253 9.42 -6.12 14.27
CA ALA A 253 9.70 -4.71 14.50
C ALA A 253 9.56 -3.92 13.21
N ILE A 254 9.03 -2.72 13.36
CA ILE A 254 9.11 -1.71 12.33
C ILE A 254 10.35 -0.88 12.60
N VAL A 255 11.19 -0.71 11.58
CA VAL A 255 12.42 0.08 11.73
C VAL A 255 12.30 1.48 11.12
N CYS A 256 12.79 2.48 11.83
CA CYS A 256 12.84 3.84 11.30
C CYS A 256 14.28 4.19 10.97
N TRP A 257 14.56 4.47 9.70
CA TRP A 257 15.92 4.62 9.21
C TRP A 257 15.99 5.59 8.04
N LYS A 258 17.21 5.93 7.63
CA LYS A 258 17.44 6.77 6.45
C LYS A 258 18.73 6.33 5.77
N PRO A 259 18.83 6.57 4.45
CA PRO A 259 20.07 6.30 3.74
C PRO A 259 21.17 7.26 4.19
N GLY A 260 22.41 6.80 4.16
CA GLY A 260 23.53 7.65 4.46
C GLY A 260 23.67 7.98 5.92
N LYS A 261 24.44 9.02 6.22
CA LYS A 261 24.64 9.48 7.59
C LYS A 261 23.52 10.41 8.04
N MET A 262 23.47 10.64 9.35
CA MET A 262 22.46 11.48 9.98
C MET A 262 22.20 12.76 9.21
N GLU A 263 23.28 13.38 8.75
CA GLU A 263 23.24 14.72 8.16
C GLU A 263 23.01 14.71 6.65
N ASP A 264 23.16 13.55 6.02
CA ASP A 264 23.05 13.45 4.56
C ASP A 264 21.63 13.74 4.06
N ASP A 265 21.51 14.69 3.14
CA ASP A 265 20.20 14.97 2.56
C ASP A 265 19.79 13.86 1.59
N ILE A 266 18.54 13.45 1.67
CA ILE A 266 18.07 12.37 0.83
C ILE A 266 18.33 12.64 -0.67
N ASP A 267 18.31 13.92 -1.06
CA ASP A 267 18.47 14.25 -2.48
C ASP A 267 19.93 14.43 -2.91
N LYS A 268 20.85 14.29 -1.98
CA LYS A 268 22.27 14.32 -2.29
C LYS A 268 22.83 12.89 -2.35
N ILE A 269 22.09 11.95 -1.77
CA ILE A 269 22.45 10.53 -1.77
C ILE A 269 22.78 10.01 -3.17
N LYS A 270 23.94 9.38 -3.31
CA LYS A 270 24.33 8.72 -4.56
C LYS A 270 24.05 7.22 -4.51
N PRO A 271 23.95 6.59 -5.69
CA PRO A 271 23.60 5.15 -5.81
C PRO A 271 24.67 4.24 -5.21
N SER A 272 25.88 4.76 -5.06
CA SER A 272 26.97 3.99 -4.46
C SER A 272 26.89 3.96 -2.92
N GLU A 273 26.03 4.81 -2.36
CA GLU A 273 25.94 5.00 -0.90
C GLU A 273 25.70 3.71 -0.15
N SER A 274 26.60 3.38 0.76
CA SER A 274 26.56 2.09 1.45
C SER A 274 26.11 2.20 2.91
N ASN A 275 26.01 3.42 3.43
CA ASN A 275 25.63 3.61 4.81
C ASN A 275 24.14 3.87 5.02
N VAL A 276 23.65 3.41 6.17
CA VAL A 276 22.33 3.75 6.65
C VAL A 276 22.39 4.17 8.12
N THR A 277 21.46 5.01 8.53
CA THR A 277 21.35 5.45 9.90
C THR A 277 19.99 4.98 10.44
N ILE A 278 20.02 4.15 11.48
CA ILE A 278 18.79 3.72 12.16
C ILE A 278 18.42 4.72 13.26
N LEU A 279 17.18 5.20 13.23
CA LEU A 279 16.73 6.23 14.16
C LEU A 279 15.81 5.71 15.25
N GLY A 280 15.15 4.58 14.99
CA GLY A 280 14.20 4.05 15.94
C GLY A 280 13.69 2.69 15.56
N ARG A 281 13.08 2.02 16.52
CA ARG A 281 12.53 0.70 16.32
C ARG A 281 11.21 0.62 17.08
N PHE A 282 10.19 0.10 16.41
CA PHE A 282 8.91 -0.17 17.07
C PHE A 282 8.70 -1.68 17.20
N ASP A 283 8.79 -2.18 18.44
CA ASP A 283 8.68 -3.60 18.75
C ASP A 283 7.28 -4.06 19.09
N TYR A 284 6.97 -5.30 18.72
CA TYR A 284 5.68 -5.94 19.04
C TYR A 284 5.93 -7.43 18.94
N SER A 285 4.88 -8.25 19.03
CA SER A 285 5.05 -9.71 19.07
C SER A 285 4.18 -10.44 18.05
N GLN A 286 4.50 -11.72 17.83
CA GLN A 286 3.68 -12.66 17.07
C GLN A 286 3.21 -12.09 15.75
N CYS A 287 4.17 -11.62 14.95
CA CYS A 287 3.88 -11.11 13.62
C CYS A 287 5.02 -11.53 12.72
N ASP A 288 5.22 -12.84 12.58
CA ASP A 288 6.31 -13.39 11.79
C ASP A 288 5.91 -13.88 10.39
N ILE A 289 4.62 -14.02 10.12
CA ILE A 289 4.17 -14.33 8.76
C ILE A 289 4.34 -13.09 7.86
N TRP A 290 4.56 -13.27 6.57
CA TRP A 290 4.72 -12.11 5.70
C TRP A 290 3.38 -11.65 5.13
N TYR A 291 3.38 -10.44 4.58
CA TYR A 291 2.16 -9.81 4.07
C TYR A 291 1.27 -9.32 5.19
N MET A 292 1.88 -8.57 6.10
CA MET A 292 1.20 -7.90 7.20
C MET A 292 1.55 -6.43 7.08
N ARG A 293 0.57 -5.58 6.84
CA ARG A 293 0.88 -4.21 6.45
C ARG A 293 0.49 -3.24 7.56
N PHE A 294 1.34 -2.24 7.80
CA PHE A 294 1.00 -1.19 8.74
C PHE A 294 0.44 0.04 8.02
N SER A 295 -0.24 0.91 8.77
CA SER A 295 -0.81 2.12 8.16
C SER A 295 -0.64 3.30 9.09
N MET A 296 -0.89 4.49 8.55
CA MET A 296 -0.78 5.71 9.33
C MET A 296 -2.02 6.57 9.09
N ASP A 297 -2.34 7.44 10.05
CA ASP A 297 -3.47 8.35 9.90
C ASP A 297 -3.07 9.45 8.92
N PHE A 298 -4.02 10.30 8.58
CA PHE A 298 -3.81 11.31 7.55
C PHE A 298 -2.65 12.24 7.88
N TRP A 299 -2.48 12.53 9.16
CA TRP A 299 -1.47 13.49 9.59
C TRP A 299 -0.17 12.80 9.92
N GLN A 300 -0.17 11.47 9.90
CA GLN A 300 1.00 10.70 10.29
C GLN A 300 1.41 11.00 11.72
N LYS A 301 0.40 11.12 12.58
CA LYS A 301 0.65 11.23 14.01
C LYS A 301 0.66 9.85 14.64
N MET A 302 0.04 8.89 13.98
CA MET A 302 0.00 7.54 14.50
C MET A 302 0.19 6.42 13.49
N LEU A 303 0.50 5.26 14.02
CA LEU A 303 0.95 4.12 13.24
C LEU A 303 0.20 2.88 13.77
N ALA A 304 -0.40 2.12 12.87
CA ALA A 304 -1.16 0.94 13.27
C ALA A 304 -0.68 -0.31 12.56
N LEU A 305 -0.56 -1.39 13.31
CA LEU A 305 -0.20 -2.70 12.78
C LEU A 305 -0.88 -3.78 13.58
N GLY A 306 -1.51 -4.75 12.90
CA GLY A 306 -2.04 -5.92 13.59
C GLY A 306 -1.12 -7.12 13.49
N ASN A 307 -1.23 -8.07 14.44
CA ASN A 307 -0.42 -9.29 14.36
C ASN A 307 -1.20 -10.55 13.95
N GLN A 308 -0.53 -11.70 13.97
CA GLN A 308 -1.13 -12.94 13.49
C GLN A 308 -2.10 -13.60 14.46
N VAL A 309 -2.24 -13.03 15.65
CA VAL A 309 -3.20 -13.56 16.63
C VAL A 309 -4.32 -12.59 16.94
N GLY A 310 -4.46 -11.54 16.12
CA GLY A 310 -5.59 -10.63 16.23
C GLY A 310 -5.37 -9.48 17.18
N LYS A 311 -4.10 -9.18 17.47
CA LYS A 311 -3.78 -8.05 18.32
C LYS A 311 -3.44 -6.80 17.50
N LEU A 312 -3.96 -5.65 17.91
CA LEU A 312 -3.78 -4.41 17.16
C LEU A 312 -2.90 -3.41 17.93
N TYR A 313 -1.73 -3.10 17.39
CA TYR A 313 -0.84 -2.10 17.98
C TYR A 313 -1.03 -0.71 17.37
N VAL A 314 -1.04 0.32 18.20
CA VAL A 314 -1.08 1.70 17.71
C VAL A 314 -0.05 2.56 18.44
N TRP A 315 0.92 3.09 17.70
CA TRP A 315 1.97 3.93 18.28
C TRP A 315 1.69 5.40 18.11
N ASP A 316 2.04 6.17 19.13
CA ASP A 316 2.02 7.62 19.07
C ASP A 316 3.35 8.11 18.53
N LEU A 317 3.34 8.63 17.30
CA LEU A 317 4.56 9.10 16.66
C LEU A 317 4.85 10.57 16.97
N GLU A 318 3.96 11.18 17.75
CA GLU A 318 4.10 12.58 18.11
C GLU A 318 5.08 12.75 19.29
N VAL A 319 6.35 12.43 19.04
CA VAL A 319 7.42 12.58 20.02
C VAL A 319 8.72 12.95 19.28
N GLU A 320 9.57 13.76 19.93
CA GLU A 320 10.79 14.25 19.31
C GLU A 320 11.57 13.17 18.57
N ASP A 321 11.85 12.07 19.26
CA ASP A 321 12.68 11.02 18.71
C ASP A 321 11.99 9.66 18.76
N PRO A 322 12.10 8.89 17.66
CA PRO A 322 11.39 7.63 17.39
C PRO A 322 11.44 6.61 18.53
N HIS A 323 12.54 6.58 19.28
CA HIS A 323 12.66 5.62 20.37
C HIS A 323 11.70 5.90 21.52
N LYS A 324 11.10 7.10 21.53
CA LYS A 324 10.29 7.57 22.66
C LYS A 324 8.80 7.21 22.56
N ALA A 325 8.35 6.82 21.37
CA ALA A 325 6.93 6.57 21.12
C ALA A 325 6.28 5.54 22.06
N LYS A 326 5.15 5.89 22.64
CA LYS A 326 4.35 4.95 23.42
C LYS A 326 3.36 4.16 22.54
N CYS A 327 2.98 2.97 23.01
CA CYS A 327 2.20 2.05 22.20
C CYS A 327 0.93 1.61 22.94
N THR A 328 -0.20 1.64 22.25
CA THR A 328 -1.46 1.12 22.79
C THR A 328 -1.77 -0.20 22.09
N THR A 329 -2.18 -1.21 22.86
CA THR A 329 -2.60 -2.46 22.24
C THR A 329 -4.10 -2.64 22.39
N LEU A 330 -4.74 -2.90 21.25
CA LEU A 330 -6.16 -3.14 21.18
C LEU A 330 -6.39 -4.63 20.99
N THR A 331 -7.22 -5.19 21.86
CA THR A 331 -7.51 -6.62 21.83
C THR A 331 -9.00 -6.82 22.04
N HIS A 332 -9.51 -7.94 21.52
CA HIS A 332 -10.90 -8.35 21.73
C HIS A 332 -10.88 -9.87 21.76
N HIS A 333 -11.58 -10.46 22.73
CA HIS A 333 -11.52 -11.91 22.91
C HIS A 333 -12.08 -12.65 21.71
N LYS A 334 -12.89 -11.98 20.88
CA LYS A 334 -13.37 -12.62 19.67
C LYS A 334 -12.48 -12.40 18.44
N CYS A 335 -11.44 -11.57 18.57
CA CYS A 335 -10.54 -11.30 17.44
C CYS A 335 -9.24 -12.09 17.61
N GLY A 336 -9.18 -13.28 17.00
CA GLY A 336 -8.02 -14.14 17.11
C GLY A 336 -7.31 -14.50 15.81
N ALA A 337 -7.76 -13.95 14.68
CA ALA A 337 -7.13 -14.23 13.39
C ALA A 337 -6.15 -13.14 12.96
N ALA A 338 -5.23 -13.47 12.07
CA ALA A 338 -4.27 -12.49 11.56
C ALA A 338 -4.94 -11.22 11.01
N ILE A 339 -4.56 -10.07 11.56
CA ILE A 339 -4.98 -8.77 11.03
C ILE A 339 -4.03 -8.39 9.90
N ARG A 340 -4.53 -8.42 8.66
CA ARG A 340 -3.68 -8.20 7.49
C ARG A 340 -3.36 -6.72 7.21
N GLN A 341 -4.27 -5.84 7.57
CA GLN A 341 -4.09 -4.42 7.28
C GLN A 341 -5.14 -3.60 8.01
N THR A 342 -4.79 -2.35 8.28
CA THR A 342 -5.68 -1.43 8.98
C THR A 342 -5.81 -0.16 8.15
N SER A 343 -6.86 0.62 8.41
CA SER A 343 -7.02 1.92 7.79
C SER A 343 -7.72 2.89 8.75
N PHE A 344 -7.24 4.12 8.82
CA PHE A 344 -7.90 5.20 9.54
C PHE A 344 -8.83 6.01 8.62
N SER A 345 -9.99 6.40 9.14
CA SER A 345 -10.83 7.35 8.44
C SER A 345 -10.04 8.63 8.31
N ARG A 346 -10.47 9.54 7.45
CA ARG A 346 -9.68 10.73 7.17
C ARG A 346 -9.56 11.62 8.40
N ASP A 347 -10.58 11.61 9.26
CA ASP A 347 -10.58 12.49 10.41
C ASP A 347 -10.00 11.80 11.63
N SER A 348 -9.42 10.62 11.42
CA SER A 348 -8.70 9.90 12.46
C SER A 348 -9.64 9.41 13.56
N SER A 349 -10.94 9.52 13.35
CA SER A 349 -11.90 9.10 14.39
C SER A 349 -12.19 7.60 14.38
N ILE A 350 -12.01 6.96 13.23
CA ILE A 350 -12.25 5.52 13.14
C ILE A 350 -11.03 4.71 12.64
N LEU A 351 -10.78 3.57 13.28
CA LEU A 351 -9.75 2.64 12.82
C LEU A 351 -10.41 1.32 12.46
N ILE A 352 -10.19 0.85 11.23
CA ILE A 352 -10.70 -0.46 10.80
C ILE A 352 -9.58 -1.49 10.63
N ALA A 353 -9.82 -2.72 11.11
CA ALA A 353 -8.88 -3.83 10.90
C ALA A 353 -9.60 -5.00 10.20
N VAL A 354 -8.94 -5.63 9.24
CA VAL A 354 -9.53 -6.77 8.53
C VAL A 354 -8.67 -8.02 8.69
N CYS A 355 -9.29 -9.20 8.68
CA CYS A 355 -8.62 -10.42 9.16
C CYS A 355 -8.64 -11.61 8.22
N ASP A 356 -7.77 -12.56 8.53
CA ASP A 356 -7.67 -13.82 7.78
C ASP A 356 -8.92 -14.68 7.85
N ASP A 357 -9.79 -14.43 8.82
CA ASP A 357 -11.05 -15.16 8.91
C ASP A 357 -12.22 -14.34 8.32
N ALA A 358 -11.91 -13.36 7.48
CA ALA A 358 -12.91 -12.60 6.74
C ALA A 358 -13.65 -11.60 7.64
N SER A 359 -13.15 -11.45 8.86
CA SER A 359 -13.79 -10.55 9.81
C SER A 359 -13.27 -9.12 9.68
N ILE A 360 -14.13 -8.18 10.04
CA ILE A 360 -13.85 -6.76 9.96
C ILE A 360 -14.07 -6.18 11.34
N TRP A 361 -13.14 -5.36 11.83
CA TRP A 361 -13.22 -4.80 13.18
C TRP A 361 -13.18 -3.28 13.17
N ARG A 362 -14.17 -2.67 13.80
CA ARG A 362 -14.24 -1.23 13.94
C ARG A 362 -13.87 -0.74 15.33
N TRP A 363 -12.86 0.11 15.39
CA TRP A 363 -12.41 0.72 16.63
C TRP A 363 -12.62 2.24 16.56
N ASP A 364 -13.36 2.80 17.50
CA ASP A 364 -13.59 4.25 17.49
C ASP A 364 -12.71 5.01 18.47
N ARG A 365 -12.15 6.11 17.99
CA ARG A 365 -11.22 6.92 18.77
C ARG A 365 -11.90 7.53 19.98
N ALA B 4 10.55 -20.92 2.05
CA ALA B 4 11.51 -20.44 3.06
C ALA B 4 10.84 -19.53 4.08
N GLN B 5 9.63 -19.07 3.78
CA GLN B 5 8.90 -18.21 4.71
C GLN B 5 7.37 -18.25 4.51
N ARG B 6 6.65 -18.51 5.58
CA ARG B 6 5.20 -18.71 5.54
C ARG B 6 4.41 -17.40 5.49
N M3L B 7 3.29 -17.42 4.77
CA M3L B 7 2.40 -16.29 4.65
CB M3L B 7 1.88 -16.19 3.25
CG M3L B 7 1.08 -14.89 2.87
CD M3L B 7 0.63 -14.70 1.44
CE M3L B 7 -0.28 -13.49 1.11
NZ M3L B 7 -0.79 -13.32 -0.26
C M3L B 7 1.22 -16.41 5.61
O M3L B 7 0.58 -15.37 5.94
CM1 M3L B 7 -1.65 -12.16 -0.31
CM2 M3L B 7 -1.59 -14.51 -0.67
CM3 M3L B 7 0.33 -13.16 -1.20
N PHE B 8 0.91 -17.63 6.05
CA PHE B 8 -0.23 -17.86 6.94
C PHE B 8 0.17 -18.53 8.25
N ALA B 9 -0.56 -18.22 9.31
CA ALA B 9 -0.33 -18.86 10.60
C ALA B 9 -1.47 -19.79 10.98
N GLN B 10 -2.52 -19.79 10.14
CA GLN B 10 -3.73 -20.55 10.36
C GLN B 10 -3.96 -21.57 9.26
N SER B 11 -4.83 -22.55 9.53
CA SER B 11 -5.21 -23.53 8.52
C SER B 11 -6.11 -22.91 7.46
#